data_4FUG
#
_entry.id   4FUG
#
_cell.length_a   55.100
_cell.length_b   52.400
_cell.length_c   80.250
_cell.angle_alpha   90.000
_cell.angle_beta   90.000
_cell.angle_gamma   90.000
#
_symmetry.space_group_name_H-M   'P 21 21 21'
#
loop_
_entity.id
_entity.type
_entity.pdbx_description
1 polymer 'Urokinase-type plasminogen activator'
2 non-polymer 'methyl (7-carbamimidoylnaphthalen-1-yl)carbamate'
3 non-polymer 'SULFATE ION'
4 non-polymer GLYCEROL
5 non-polymer 'ACETATE ION'
6 water water
#
_entity_poly.entity_id   1
_entity_poly.type   'polypeptide(L)'
_entity_poly.pdbx_seq_one_letter_code
;IIGGEFTTIENQPWFAAIYRRHRGGSVTYVCGGSLISPCWVISATHCFIDYPKKEDYIVYLGRSRLNSNTQGEMKFEVEN
LILHKDYSADTLAHHNDIALLKIRSKEGRCAQPSRTIQTIALPSMYNDPQFGTSCEITGFGKEQSTDYLYPEQLKMTVVK
LISHRECQQPHYYGSEVTTKMLCAADPQWKTDSCQGDSGGPLVCSLQGRMTLTGIVSWGRGCALKDKPGVYTRVSHFLPW
IRSHTK
;
_entity_poly.pdbx_strand_id   A
#
loop_
_chem_comp.id
_chem_comp.type
_chem_comp.name
_chem_comp.formula
9UP non-polymer 'methyl (7-carbamimidoylnaphthalen-1-yl)carbamate' 'C13 H13 N3 O2'
ACT non-polymer 'ACETATE ION' 'C2 H3 O2 -1'
GOL non-polymer GLYCEROL 'C3 H8 O3'
SO4 non-polymer 'SULFATE ION' 'O4 S -2'
#
# COMPACT_ATOMS: atom_id res chain seq x y z
N ILE A 1 11.24 1.83 -0.92
CA ILE A 1 11.62 2.14 0.49
C ILE A 1 13.06 2.69 0.55
N ILE A 2 13.23 3.91 1.08
CA ILE A 2 14.52 4.54 1.28
C ILE A 2 14.98 4.03 2.65
N GLY A 3 16.22 3.55 2.71
CA GLY A 3 16.81 3.01 3.93
C GLY A 3 16.10 1.75 4.35
N GLY A 4 15.93 1.57 5.64
CA GLY A 4 15.25 0.40 6.17
C GLY A 4 16.05 -0.86 5.93
N GLU A 5 15.35 -1.99 5.75
CA GLU A 5 16.00 -3.29 5.62
C GLU A 5 15.38 -4.14 4.55
N PHE A 6 16.18 -5.03 3.96
CA PHE A 6 15.62 -6.01 3.04
C PHE A 6 14.87 -7.02 3.92
N THR A 7 13.75 -7.56 3.41
CA THR A 7 12.94 -8.51 4.15
C THR A 7 12.52 -9.64 3.21
N THR A 8 11.64 -10.52 3.69
CA THR A 8 11.08 -11.63 2.93
C THR A 8 9.58 -11.63 3.19
N ILE A 9 8.79 -12.27 2.32
CA ILE A 9 7.33 -12.32 2.47
C ILE A 9 6.83 -12.95 3.78
N GLU A 10 7.62 -13.88 4.37
CA GLU A 10 7.18 -14.50 5.63
C GLU A 10 7.03 -13.47 6.77
N ASN A 11 7.75 -12.33 6.66
CA ASN A 11 7.70 -11.25 7.65
CA ASN A 11 7.66 -11.27 7.68
C ASN A 11 6.54 -10.27 7.38
N GLN A 12 6.02 -10.27 6.14
CA GLN A 12 4.96 -9.34 5.67
C GLN A 12 3.93 -10.18 4.88
N PRO A 13 3.26 -11.20 5.47
CA PRO A 13 2.46 -12.11 4.65
C PRO A 13 1.19 -11.60 4.01
N TRP A 14 0.73 -10.42 4.42
CA TRP A 14 -0.45 -9.74 3.86
C TRP A 14 -0.06 -8.93 2.62
N PHE A 15 1.24 -8.82 2.33
CA PHE A 15 1.69 -8.01 1.19
C PHE A 15 1.41 -8.60 -0.18
N ALA A 16 0.76 -7.80 -1.06
CA ALA A 16 0.42 -8.23 -2.43
C ALA A 16 1.25 -7.43 -3.39
N ALA A 17 1.86 -8.12 -4.38
CA ALA A 17 2.71 -7.53 -5.40
C ALA A 17 1.85 -7.41 -6.67
N ILE A 18 1.57 -6.17 -7.14
CA ILE A 18 0.67 -5.99 -8.29
C ILE A 18 1.44 -5.56 -9.53
N TYR A 19 1.21 -6.29 -10.64
CA TYR A 19 1.88 -6.08 -11.91
C TYR A 19 0.87 -5.85 -13.02
N ARG A 20 1.34 -5.31 -14.14
CA ARG A 20 0.53 -5.04 -15.32
C ARG A 20 1.15 -5.69 -16.55
N ARG A 21 0.30 -6.38 -17.32
CA ARG A 21 0.62 -7.01 -18.58
C ARG A 21 0.45 -5.94 -19.66
N HIS A 22 1.49 -5.68 -20.46
CA HIS A 22 1.41 -4.73 -21.58
C HIS A 22 1.18 -5.51 -22.88
N ARG A 23 0.73 -4.80 -23.94
CA ARG A 23 0.62 -5.37 -25.29
C ARG A 23 2.04 -5.80 -25.70
N GLY A 24 2.17 -7.03 -26.20
CA GLY A 24 3.46 -7.60 -26.56
C GLY A 24 3.96 -8.58 -25.53
N GLY A 25 3.29 -8.63 -24.37
CA GLY A 25 3.58 -9.59 -23.31
C GLY A 25 4.50 -9.17 -22.17
N SER A 26 5.09 -7.94 -22.22
CA SER A 26 5.98 -7.51 -21.13
CA SER A 26 5.98 -7.51 -21.13
C SER A 26 5.16 -7.26 -19.88
N VAL A 27 5.69 -7.65 -18.73
CA VAL A 27 5.04 -7.49 -17.45
C VAL A 27 5.91 -6.58 -16.61
N THR A 28 5.30 -5.51 -16.06
CA THR A 28 6.02 -4.54 -15.23
C THR A 28 5.33 -4.38 -13.86
N TYR A 29 6.13 -4.06 -12.83
CA TYR A 29 5.60 -3.87 -11.49
C TYR A 29 4.79 -2.57 -11.39
N VAL A 30 3.62 -2.62 -10.73
CA VAL A 30 2.76 -1.42 -10.60
C VAL A 30 2.84 -0.82 -9.24
N CYS A 31 2.34 -1.56 -8.23
CA CYS A 31 2.13 -1.08 -6.88
C CYS A 31 2.06 -2.26 -5.94
N GLY A 32 2.07 -1.94 -4.67
CA GLY A 32 1.81 -2.88 -3.59
C GLY A 32 0.33 -2.89 -3.26
N GLY A 33 -0.03 -3.80 -2.38
CA GLY A 33 -1.38 -3.99 -1.89
C GLY A 33 -1.35 -4.79 -0.63
N SER A 34 -2.54 -4.96 -0.01
CA SER A 34 -2.70 -5.72 1.24
C SER A 34 -3.90 -6.67 1.15
N LEU A 35 -3.70 -7.92 1.56
CA LEU A 35 -4.79 -8.90 1.59
C LEU A 35 -5.68 -8.68 2.84
N ILE A 36 -6.93 -8.21 2.65
CA ILE A 36 -7.85 -7.98 3.79
C ILE A 36 -8.83 -9.11 4.11
N SER A 37 -9.03 -9.99 3.13
CA SER A 37 -9.85 -11.20 3.22
C SER A 37 -9.37 -12.10 2.07
N PRO A 38 -9.66 -13.41 2.07
CA PRO A 38 -9.11 -14.28 1.01
C PRO A 38 -9.30 -13.83 -0.43
N CYS A 39 -10.45 -13.17 -0.77
CA CYS A 39 -10.80 -12.74 -2.13
C CYS A 39 -10.50 -11.29 -2.41
N TRP A 40 -10.03 -10.55 -1.43
CA TRP A 40 -9.90 -9.12 -1.56
C TRP A 40 -8.54 -8.50 -1.20
N VAL A 41 -8.01 -7.74 -2.15
CA VAL A 41 -6.76 -6.97 -1.96
C VAL A 41 -7.13 -5.48 -1.97
N ILE A 42 -6.58 -4.71 -1.02
CA ILE A 42 -6.84 -3.26 -0.97
C ILE A 42 -5.56 -2.53 -1.37
N SER A 43 -5.70 -1.52 -2.21
CA SER A 43 -4.59 -0.74 -2.74
C SER A 43 -5.03 0.71 -2.92
N ALA A 44 -4.36 1.46 -3.81
CA ALA A 44 -4.64 2.88 -4.09
C ALA A 44 -5.17 3.04 -5.50
N THR A 45 -6.28 3.80 -5.67
CA THR A 45 -6.84 4.08 -7.00
C THR A 45 -5.81 4.68 -7.99
N HIS A 46 -4.88 5.58 -7.53
CA HIS A 46 -3.92 6.19 -8.47
C HIS A 46 -3.05 5.20 -9.26
N CYS A 47 -2.90 3.98 -8.72
CA CYS A 47 -2.10 2.90 -9.31
C CYS A 47 -2.73 2.39 -10.59
N PHE A 48 -4.07 2.55 -10.71
CA PHE A 48 -4.90 1.96 -11.77
C PHE A 48 -5.70 2.91 -12.63
N ILE A 49 -5.96 4.13 -12.16
CA ILE A 49 -6.84 5.10 -12.83
C ILE A 49 -6.58 5.30 -14.34
N ASP A 50 -5.32 5.28 -14.76
CA ASP A 50 -4.92 5.52 -16.16
C ASP A 50 -5.07 4.27 -17.05
N TYR A 51 -5.13 3.09 -16.42
CA TYR A 51 -5.29 1.80 -17.08
C TYR A 51 -6.36 1.02 -16.28
N PRO A 52 -7.64 1.49 -16.32
CA PRO A 52 -8.66 0.90 -15.45
C PRO A 52 -9.29 -0.39 -15.99
N LYS A 53 -8.48 -1.24 -16.62
CA LYS A 53 -8.92 -2.49 -17.25
C LYS A 53 -8.45 -3.64 -16.36
N LYS A 54 -9.40 -4.32 -15.65
CA LYS A 54 -9.03 -5.39 -14.70
C LYS A 54 -8.20 -6.51 -15.31
N GLU A 55 -8.42 -6.78 -16.60
CA GLU A 55 -7.73 -7.85 -17.35
C GLU A 55 -6.22 -7.62 -17.46
N ASP A 56 -5.78 -6.38 -17.32
CA ASP A 56 -4.36 -6.02 -17.44
C ASP A 56 -3.52 -6.43 -16.23
N TYR A 57 -4.15 -6.66 -15.08
CA TYR A 57 -3.43 -6.91 -13.84
C TYR A 57 -3.17 -8.34 -13.43
N ILE A 58 -2.03 -8.53 -12.77
CA ILE A 58 -1.57 -9.79 -12.17
C ILE A 58 -1.28 -9.47 -10.70
N VAL A 59 -1.79 -10.29 -9.78
CA VAL A 59 -1.53 -10.09 -8.34
C VAL A 59 -0.84 -11.35 -7.81
N TYR A 60 0.25 -11.16 -7.08
CA TYR A 60 0.94 -12.25 -6.38
C TYR A 60 0.80 -12.04 -4.87
N LEU A 61 0.67 -13.16 -4.17
CA LEU A 61 0.71 -13.23 -2.73
C LEU A 61 1.84 -14.21 -2.43
N GLY A 62 2.52 -14.04 -1.31
CA GLY A 62 3.62 -14.93 -0.93
C GLY A 62 4.86 -14.80 -1.79
N ARG A 63 5.04 -13.61 -2.43
CA ARG A 63 6.18 -13.29 -3.30
C ARG A 63 7.17 -12.35 -2.59
N SER A 64 8.45 -12.75 -2.51
CA SER A 64 9.52 -11.99 -1.82
C SER A 64 10.42 -11.20 -2.76
N ARG A 65 10.44 -11.58 -4.04
CA ARG A 65 11.33 -10.95 -5.00
C ARG A 65 10.59 -10.47 -6.23
N LEU A 66 11.09 -9.39 -6.83
CA LEU A 66 10.45 -8.74 -7.96
C LEU A 66 10.42 -9.64 -9.20
N ASN A 67 11.46 -10.49 -9.38
CA ASN A 67 11.61 -11.44 -10.51
C ASN A 67 12.01 -12.88 -10.13
N SER A 68 11.44 -13.40 -9.04
CA SER A 68 11.65 -14.77 -8.59
C SER A 68 10.30 -15.32 -8.21
N ASN A 69 10.06 -16.59 -8.53
CA ASN A 69 8.82 -17.26 -8.19
C ASN A 69 9.02 -17.93 -6.82
N THR A 70 8.91 -17.11 -5.76
CA THR A 70 9.10 -17.55 -4.37
C THR A 70 8.32 -18.82 -4.06
N GLN A 71 8.98 -19.75 -3.38
CA GLN A 71 8.38 -21.01 -2.97
C GLN A 71 7.14 -20.68 -2.13
N GLY A 72 6.00 -21.25 -2.52
CA GLY A 72 4.72 -21.03 -1.83
C GLY A 72 3.91 -19.84 -2.32
N GLU A 73 4.41 -19.09 -3.33
CA GLU A 73 3.68 -17.94 -3.85
C GLU A 73 2.44 -18.40 -4.61
N MET A 74 1.44 -17.50 -4.75
CA MET A 74 0.16 -17.77 -5.43
CA MET A 74 0.23 -17.79 -5.50
C MET A 74 -0.06 -16.63 -6.45
N LYS A 75 -0.42 -16.95 -7.69
CA LYS A 75 -0.69 -15.96 -8.75
C LYS A 75 -2.21 -15.81 -8.98
N PHE A 76 -2.69 -14.54 -9.15
CA PHE A 76 -4.11 -14.26 -9.35
C PHE A 76 -4.36 -13.26 -10.45
N GLU A 77 -5.58 -13.32 -11.01
CA GLU A 77 -6.09 -12.30 -11.92
C GLU A 77 -7.14 -11.52 -11.13
N VAL A 78 -7.57 -10.38 -11.68
CA VAL A 78 -8.51 -9.49 -10.99
C VAL A 78 -9.92 -9.72 -11.57
N GLU A 79 -10.79 -10.24 -10.71
CA GLU A 79 -12.19 -10.52 -11.02
C GLU A 79 -13.01 -9.21 -11.03
N ASN A 80 -12.65 -8.25 -10.15
CA ASN A 80 -13.34 -6.96 -10.07
CA ASN A 80 -13.33 -6.96 -10.06
C ASN A 80 -12.33 -5.91 -9.61
N LEU A 81 -12.23 -4.81 -10.35
CA LEU A 81 -11.34 -3.71 -10.00
C LEU A 81 -12.28 -2.60 -9.58
N ILE A 82 -12.30 -2.28 -8.28
CA ILE A 82 -13.20 -1.25 -7.76
C ILE A 82 -12.42 -0.01 -7.43
N LEU A 83 -12.66 1.07 -8.17
CA LEU A 83 -11.97 2.31 -7.89
C LEU A 83 -12.93 3.23 -7.13
N HIS A 84 -12.39 4.12 -6.28
CA HIS A 84 -13.27 5.01 -5.53
C HIS A 84 -13.80 6.09 -6.48
N LYS A 85 -15.14 6.20 -6.60
CA LYS A 85 -15.81 7.13 -7.52
C LYS A 85 -15.40 8.60 -7.40
N ASP A 86 -14.97 9.02 -6.22
CA ASP A 86 -14.60 10.41 -6.00
C ASP A 86 -13.10 10.62 -5.92
N TYR A 87 -12.31 9.69 -6.55
CA TYR A 87 -10.85 9.81 -6.60
C TYR A 87 -10.48 11.07 -7.41
N SER A 88 -9.41 11.75 -6.99
CA SER A 88 -8.86 12.87 -7.74
C SER A 88 -7.43 13.15 -7.31
N ALA A 89 -6.67 13.79 -8.19
CA ALA A 89 -5.29 14.10 -7.87
C ALA A 89 -4.97 15.54 -8.16
N ASP A 90 -4.43 16.22 -7.14
CA ASP A 90 -3.98 17.61 -7.26
CA ASP A 90 -3.96 17.60 -7.26
C ASP A 90 -2.48 17.52 -7.57
N THR A 91 -1.72 18.67 -7.56
CA THR A 91 -0.28 18.61 -7.86
C THR A 91 0.44 17.60 -6.93
N LEU A 92 0.03 17.57 -5.67
CA LEU A 92 0.61 16.62 -4.70
C LEU A 92 -0.43 15.70 -4.11
N ALA A 93 -1.49 16.26 -3.50
CA ALA A 93 -2.51 15.50 -2.80
C ALA A 93 -3.35 14.61 -3.70
N HIS A 94 -3.55 13.37 -3.27
CA HIS A 94 -4.43 12.42 -3.95
C HIS A 94 -5.61 12.20 -3.01
N HIS A 95 -6.82 12.29 -3.54
CA HIS A 95 -8.07 12.20 -2.76
C HIS A 95 -8.76 10.89 -3.01
N ASN A 96 -9.28 10.26 -1.92
CA ASN A 96 -10.01 8.98 -1.98
C ASN A 96 -9.11 7.98 -2.72
N ASP A 97 -7.82 7.92 -2.32
CA ASP A 97 -6.80 7.07 -2.98
C ASP A 97 -6.87 5.66 -2.42
N ILE A 98 -7.95 4.97 -2.81
CA ILE A 98 -8.27 3.64 -2.30
C ILE A 98 -8.98 2.85 -3.39
N ALA A 99 -8.60 1.59 -3.52
CA ALA A 99 -9.12 0.67 -4.53
C ALA A 99 -9.19 -0.72 -3.95
N LEU A 100 -10.14 -1.50 -4.44
CA LEU A 100 -10.31 -2.89 -4.07
C LEU A 100 -10.13 -3.76 -5.31
N LEU A 101 -9.43 -4.89 -5.14
CA LEU A 101 -9.18 -5.86 -6.21
C LEU A 101 -9.69 -7.20 -5.71
N LYS A 102 -10.78 -7.69 -6.30
CA LYS A 102 -11.30 -9.00 -5.99
C LYS A 102 -10.42 -9.93 -6.81
N ILE A 103 -9.72 -10.83 -6.14
CA ILE A 103 -8.75 -11.74 -6.78
C ILE A 103 -9.28 -13.13 -6.98
N ARG A 104 -8.76 -13.81 -8.02
CA ARG A 104 -9.22 -15.15 -8.34
C ARG A 104 -8.10 -15.88 -9.09
N SER A 105 -7.82 -17.11 -8.70
CA SER A 105 -6.80 -17.95 -9.38
C SER A 105 -7.39 -18.39 -10.72
N LYS A 106 -6.56 -19.01 -11.61
CA LYS A 106 -7.10 -19.48 -12.90
C LYS A 106 -8.20 -20.55 -12.71
N GLU A 107 -8.17 -21.21 -11.54
CA GLU A 107 -9.14 -22.25 -11.14
C GLU A 107 -10.39 -21.65 -10.49
N GLY A 108 -10.38 -20.33 -10.28
CA GLY A 108 -11.53 -19.61 -9.72
C GLY A 108 -11.55 -19.47 -8.22
N ARG A 109 -10.41 -19.70 -7.56
CA ARG A 109 -10.31 -19.67 -6.11
C ARG A 109 -9.64 -18.42 -5.56
N CYS A 110 -10.01 -18.10 -4.32
CA CYS A 110 -9.39 -16.98 -3.65
C CYS A 110 -8.10 -17.45 -2.96
N ALA A 111 -7.44 -16.57 -2.19
CA ALA A 111 -6.19 -16.94 -1.52
C ALA A 111 -6.39 -18.05 -0.50
N GLN A 112 -5.38 -18.91 -0.38
CA GLN A 112 -5.33 -19.99 0.58
C GLN A 112 -4.32 -19.57 1.65
N PRO A 113 -4.79 -19.19 2.88
CA PRO A 113 -3.84 -18.79 3.93
C PRO A 113 -2.77 -19.85 4.20
N SER A 114 -1.52 -19.39 4.39
CA SER A 114 -0.36 -20.23 4.65
C SER A 114 0.64 -19.46 5.49
N ARG A 115 1.85 -20.01 5.63
CA ARG A 115 2.90 -19.35 6.39
C ARG A 115 3.34 -18.05 5.72
N THR A 116 3.27 -17.98 4.38
CA THR A 116 3.68 -16.81 3.59
C THR A 116 2.50 -15.97 3.03
N ILE A 117 1.24 -16.41 3.26
CA ILE A 117 0.03 -15.71 2.77
C ILE A 117 -0.95 -15.60 3.95
N GLN A 118 -1.19 -14.36 4.44
CA GLN A 118 -2.07 -14.12 5.59
CA GLN A 118 -2.07 -14.12 5.59
C GLN A 118 -2.84 -12.83 5.41
N THR A 119 -4.03 -12.75 6.01
CA THR A 119 -4.78 -11.47 5.91
C THR A 119 -4.23 -10.49 6.98
N ILE A 120 -4.53 -9.20 6.81
CA ILE A 120 -4.22 -8.13 7.77
C ILE A 120 -5.55 -7.54 8.23
N ALA A 121 -5.72 -7.42 9.55
CA ALA A 121 -6.93 -6.88 10.15
C ALA A 121 -7.14 -5.42 9.77
N LEU A 122 -8.40 -5.06 9.53
CA LEU A 122 -8.79 -3.68 9.29
C LEU A 122 -8.95 -2.97 10.63
N PRO A 123 -8.80 -1.63 10.67
CA PRO A 123 -9.01 -0.91 11.93
C PRO A 123 -10.49 -0.79 12.27
N SER A 124 -10.78 -0.39 13.52
CA SER A 124 -12.16 -0.15 13.95
C SER A 124 -12.42 1.35 13.84
N MET A 125 -13.71 1.75 13.68
CA MET A 125 -14.10 3.17 13.55
C MET A 125 -13.57 4.04 14.70
N TYR A 126 -13.12 5.27 14.36
CA TYR A 126 -12.62 6.31 15.31
C TYR A 126 -11.51 5.83 16.25
N ASN A 127 -10.74 4.82 15.82
CA ASN A 127 -9.67 4.24 16.64
C ASN A 127 -8.38 4.04 15.86
N ASP A 128 -7.65 5.14 15.61
CA ASP A 128 -6.36 5.11 14.94
C ASP A 128 -5.28 5.26 16.01
N PRO A 129 -4.01 4.81 15.82
CA PRO A 129 -3.02 4.96 16.91
C PRO A 129 -2.71 6.43 17.16
N GLN A 130 -2.23 6.76 18.37
CA GLN A 130 -1.88 8.14 18.70
C GLN A 130 -0.65 8.60 17.90
N PHE A 131 -0.49 9.92 17.71
CA PHE A 131 0.70 10.47 17.03
C PHE A 131 1.95 10.01 17.83
N GLY A 132 3.05 9.74 17.13
CA GLY A 132 4.28 9.25 17.75
C GLY A 132 4.43 7.73 17.70
N THR A 133 3.31 7.00 17.43
CA THR A 133 3.31 5.52 17.30
C THR A 133 4.21 5.09 16.14
N SER A 134 5.00 4.04 16.35
CA SER A 134 5.84 3.47 15.30
C SER A 134 5.04 2.44 14.48
N CYS A 135 5.05 2.58 13.15
CA CYS A 135 4.35 1.69 12.23
C CYS A 135 5.30 1.23 11.14
N GLU A 136 5.01 0.10 10.52
CA GLU A 136 5.87 -0.39 9.46
C GLU A 136 5.29 -0.20 8.09
N ILE A 137 6.16 -0.05 7.10
CA ILE A 137 5.78 0.06 5.70
C ILE A 137 6.56 -0.99 4.94
N THR A 138 5.96 -1.53 3.87
CA THR A 138 6.60 -2.55 3.06
CA THR A 138 6.60 -2.55 3.06
C THR A 138 6.40 -2.24 1.56
N GLY A 139 7.40 -2.58 0.75
CA GLY A 139 7.30 -2.38 -0.68
C GLY A 139 8.54 -2.69 -1.50
N PHE A 140 8.33 -2.68 -2.81
CA PHE A 140 9.35 -2.89 -3.82
C PHE A 140 9.70 -1.52 -4.47
N GLY A 141 9.30 -0.41 -3.82
CA GLY A 141 9.56 0.94 -4.30
C GLY A 141 11.04 1.34 -4.30
N LYS A 142 11.34 2.49 -4.92
CA LYS A 142 12.71 2.99 -5.06
C LYS A 142 13.49 3.06 -3.75
N GLU A 143 14.78 2.75 -3.81
CA GLU A 143 15.71 2.79 -2.66
C GLU A 143 16.32 4.18 -2.55
N GLN A 144 16.25 4.97 -3.66
CA GLN A 144 16.77 6.35 -3.74
C GLN A 144 15.87 7.09 -4.70
N SER A 145 15.59 8.39 -4.42
CA SER A 145 14.71 9.19 -5.30
C SER A 145 15.15 9.21 -6.76
N THR A 146 16.48 9.23 -6.99
CA THR A 146 17.14 9.29 -8.31
C THR A 146 17.23 7.94 -9.02
N ASP A 147 16.86 6.82 -8.35
CA ASP A 147 16.90 5.53 -9.04
C ASP A 147 15.76 5.47 -10.07
N TYR A 148 15.93 4.65 -11.12
CA TYR A 148 14.86 4.40 -12.07
C TYR A 148 14.42 2.93 -11.93
N LEU A 149 15.32 2.07 -11.40
CA LEU A 149 15.03 0.65 -11.18
C LEU A 149 14.53 0.46 -9.77
N TYR A 150 13.74 -0.57 -9.58
CA TYR A 150 13.24 -0.95 -8.27
C TYR A 150 14.12 -2.08 -7.69
N PRO A 151 14.22 -2.19 -6.33
CA PRO A 151 15.02 -3.28 -5.74
C PRO A 151 14.44 -4.64 -6.05
N GLU A 152 15.31 -5.63 -6.32
CA GLU A 152 14.88 -6.98 -6.58
C GLU A 152 14.27 -7.63 -5.32
N GLN A 153 14.82 -7.35 -4.12
CA GLN A 153 14.33 -7.92 -2.88
C GLN A 153 13.40 -6.96 -2.15
N LEU A 154 12.28 -7.51 -1.62
CA LEU A 154 11.29 -6.79 -0.82
C LEU A 154 11.98 -6.07 0.34
N LYS A 155 11.53 -4.83 0.63
CA LYS A 155 12.08 -4.05 1.73
C LYS A 155 10.99 -3.64 2.70
N MET A 156 11.41 -3.32 3.93
CA MET A 156 10.56 -2.77 4.97
C MET A 156 11.32 -1.67 5.73
N THR A 157 10.56 -0.85 6.42
CA THR A 157 11.06 0.16 7.34
C THR A 157 10.02 0.47 8.40
N VAL A 158 10.42 1.27 9.37
CA VAL A 158 9.56 1.73 10.46
C VAL A 158 9.60 3.25 10.45
N VAL A 159 8.40 3.86 10.49
CA VAL A 159 8.16 5.30 10.54
C VAL A 159 7.22 5.66 11.71
N LYS A 160 7.17 6.94 12.11
CA LYS A 160 6.29 7.39 13.18
C LYS A 160 5.13 8.21 12.64
N LEU A 161 3.93 7.97 13.19
CA LEU A 161 2.74 8.73 12.82
C LEU A 161 2.88 10.18 13.26
N ILE A 162 2.45 11.09 12.40
CA ILE A 162 2.49 12.53 12.61
C ILE A 162 1.04 13.06 12.65
N SER A 163 0.73 13.94 13.63
CA SER A 163 -0.61 14.50 13.81
C SER A 163 -1.07 15.33 12.60
N HIS A 164 -2.40 15.51 12.45
CA HIS A 164 -2.96 16.34 11.40
C HIS A 164 -2.48 17.79 11.57
N ARG A 165 -2.55 18.36 12.80
CA ARG A 165 -2.12 19.74 13.09
CA ARG A 165 -2.12 19.73 13.09
C ARG A 165 -0.65 19.95 12.66
N GLU A 166 0.25 18.97 12.93
CA GLU A 166 1.65 19.08 12.53
C GLU A 166 1.79 18.97 11.01
N CYS A 167 1.07 18.02 10.40
CA CYS A 167 1.21 17.85 8.99
C CYS A 167 0.65 18.99 8.17
N GLN A 168 -0.29 19.77 8.76
CA GLN A 168 -0.89 20.95 8.12
C GLN A 168 -0.05 22.20 8.33
N GLN A 169 1.14 22.11 8.96
CA GLN A 169 2.03 23.27 9.14
C GLN A 169 2.52 23.78 7.75
N PRO A 170 2.85 25.09 7.63
CA PRO A 170 3.26 25.64 6.32
C PRO A 170 4.45 24.95 5.64
N HIS A 171 5.52 24.62 6.39
CA HIS A 171 6.71 23.93 5.85
C HIS A 171 6.47 22.45 5.56
N TYR A 172 5.35 21.90 6.07
CA TYR A 172 4.92 20.53 5.79
C TYR A 172 3.98 20.59 4.57
N TYR A 173 2.69 20.23 4.70
CA TYR A 173 1.77 20.28 3.56
C TYR A 173 0.64 21.34 3.60
N GLY A 174 0.59 22.16 4.64
CA GLY A 174 -0.47 23.17 4.77
C GLY A 174 -1.85 22.55 4.69
N SER A 175 -2.80 23.23 4.03
CA SER A 175 -4.16 22.69 3.88
C SER A 175 -4.29 21.62 2.81
N GLU A 176 -3.17 21.22 2.14
CA GLU A 176 -3.20 20.17 1.10
C GLU A 176 -3.49 18.81 1.70
N VAL A 177 -3.09 18.58 2.95
CA VAL A 177 -3.33 17.29 3.62
C VAL A 177 -4.62 17.41 4.43
N THR A 178 -5.56 16.44 4.25
CA THR A 178 -6.88 16.53 4.88
C THR A 178 -7.00 15.55 6.04
N THR A 179 -8.14 15.59 6.78
CA THR A 179 -8.41 14.71 7.92
C THR A 179 -8.63 13.26 7.48
N LYS A 180 -8.86 13.04 6.17
CA LYS A 180 -9.01 11.69 5.59
C LYS A 180 -7.62 11.06 5.24
N MET A 181 -6.53 11.79 5.53
CA MET A 181 -5.15 11.39 5.24
C MET A 181 -4.34 11.33 6.52
N LEU A 182 -3.42 10.39 6.56
CA LEU A 182 -2.54 10.20 7.71
C LEU A 182 -1.08 10.43 7.31
N CYS A 183 -0.37 11.27 8.06
CA CYS A 183 1.06 11.48 7.80
C CYS A 183 1.89 10.59 8.66
N ALA A 184 3.05 10.13 8.12
CA ALA A 184 4.05 9.33 8.84
C ALA A 184 5.44 9.51 8.23
N ALA A 185 6.45 9.59 9.09
CA ALA A 185 7.84 9.80 8.64
C ALA A 185 8.86 9.46 9.73
N ASP A 186 10.14 9.46 9.32
CA ASP A 186 11.30 9.27 10.19
C ASP A 186 11.61 10.66 10.79
N PRO A 187 11.70 10.83 12.15
CA PRO A 187 12.08 12.14 12.72
C PRO A 187 13.41 12.67 12.15
N GLN A 188 14.34 11.76 11.76
CA GLN A 188 15.63 12.13 11.17
C GLN A 188 15.60 12.21 9.63
N TRP A 189 14.43 11.94 9.00
CA TRP A 189 14.25 12.03 7.52
C TRP A 189 15.25 11.15 6.70
N LYS A 190 15.67 10.01 7.26
CA LYS A 190 16.62 9.07 6.59
C LYS A 190 15.92 7.91 5.92
N THR A 191 14.70 7.56 6.38
CA THR A 191 13.96 6.43 5.86
C THR A 191 12.51 6.81 5.52
N ASP A 192 11.94 6.22 4.46
CA ASP A 192 10.60 6.57 4.00
C ASP A 192 10.11 5.60 2.91
N SER A 193 8.82 5.73 2.52
CA SER A 193 8.29 5.06 1.34
C SER A 193 8.66 6.00 0.16
N CYS A 194 8.58 5.48 -1.06
CA CYS A 194 8.92 6.26 -2.24
C CYS A 194 8.09 5.75 -3.42
N GLN A 195 8.28 6.33 -4.61
CA GLN A 195 7.55 5.88 -5.80
C GLN A 195 7.76 4.36 -5.97
N GLY A 196 6.68 3.65 -6.22
CA GLY A 196 6.74 2.19 -6.35
C GLY A 196 6.23 1.51 -5.09
N ASP A 197 6.22 2.24 -3.96
CA ASP A 197 5.65 1.72 -2.71
C ASP A 197 4.13 2.01 -2.60
N SER A 198 3.59 2.84 -3.50
CA SER A 198 2.16 3.21 -3.54
C SER A 198 1.26 2.00 -3.47
N GLY A 199 0.14 2.15 -2.76
CA GLY A 199 -0.86 1.10 -2.62
C GLY A 199 -0.54 0.11 -1.51
N GLY A 200 0.73 0.08 -1.09
CA GLY A 200 1.22 -0.83 -0.05
C GLY A 200 0.74 -0.50 1.35
N PRO A 201 0.98 -1.40 2.31
CA PRO A 201 0.50 -1.18 3.70
C PRO A 201 1.35 -0.31 4.60
N LEU A 202 0.65 0.39 5.50
CA LEU A 202 1.21 1.06 6.67
C LEU A 202 0.55 0.28 7.79
N VAL A 203 1.31 -0.58 8.47
CA VAL A 203 0.74 -1.45 9.51
C VAL A 203 1.18 -0.96 10.87
N CYS A 204 0.20 -0.78 11.78
CA CYS A 204 0.43 -0.32 13.14
C CYS A 204 -0.04 -1.36 14.11
N SER A 205 0.73 -1.58 15.17
CA SER A 205 0.26 -2.50 16.23
C SER A 205 -0.58 -1.62 17.19
N LEU A 206 -1.88 -1.92 17.32
CA LEU A 206 -2.77 -1.13 18.16
C LEU A 206 -3.52 -2.02 19.12
N GLN A 207 -3.30 -1.79 20.44
CA GLN A 207 -3.93 -2.58 21.51
C GLN A 207 -3.54 -4.06 21.33
N GLY A 208 -2.29 -4.27 20.93
CA GLY A 208 -1.71 -5.60 20.68
C GLY A 208 -2.08 -6.24 19.37
N ARG A 209 -2.84 -5.54 18.51
CA ARG A 209 -3.29 -6.12 17.24
C ARG A 209 -2.65 -5.44 16.06
N MET A 210 -2.05 -6.22 15.13
CA MET A 210 -1.45 -5.68 13.89
C MET A 210 -2.63 -5.25 13.00
N THR A 211 -2.65 -3.97 12.62
CA THR A 211 -3.77 -3.36 11.90
C THR A 211 -3.33 -2.61 10.65
N LEU A 212 -4.15 -2.68 9.58
CA LEU A 212 -3.89 -1.92 8.35
C LEU A 212 -4.40 -0.49 8.58
N THR A 213 -3.52 0.36 9.12
CA THR A 213 -3.90 1.73 9.45
C THR A 213 -3.88 2.63 8.23
N GLY A 214 -2.94 2.40 7.31
CA GLY A 214 -2.83 3.24 6.14
C GLY A 214 -2.49 2.51 4.86
N ILE A 215 -2.62 3.24 3.75
CA ILE A 215 -2.25 2.77 2.40
C ILE A 215 -1.34 3.85 1.82
N VAL A 216 -0.11 3.48 1.36
CA VAL A 216 0.82 4.47 0.74
C VAL A 216 0.11 5.19 -0.39
N SER A 217 0.09 6.52 -0.32
CA SER A 217 -0.61 7.34 -1.28
C SER A 217 0.29 8.33 -1.98
N TRP A 218 0.87 9.30 -1.23
CA TRP A 218 1.66 10.35 -1.87
C TRP A 218 2.68 10.99 -0.95
N GLY A 219 3.59 11.77 -1.53
CA GLY A 219 4.61 12.47 -0.78
C GLY A 219 5.49 13.32 -1.68
N ARG A 220 5.92 14.48 -1.16
CA ARG A 220 6.80 15.38 -1.89
C ARG A 220 8.21 14.84 -1.72
N GLY A 221 8.79 14.37 -2.82
CA GLY A 221 10.11 13.74 -2.81
C GLY A 221 10.03 12.45 -2.00
N CYS A 222 11.19 11.91 -1.57
CA CYS A 222 11.26 10.72 -0.70
C CYS A 222 12.30 10.96 0.37
N ALA A 223 11.92 10.72 1.65
CA ALA A 223 12.78 10.99 2.82
C ALA A 223 13.29 12.46 2.78
N LEU A 224 12.42 13.37 2.31
CA LEU A 224 12.72 14.79 2.24
C LEU A 224 12.33 15.46 3.54
N LYS A 225 13.20 16.32 4.09
CA LYS A 225 12.94 17.06 5.32
C LYS A 225 11.58 17.78 5.27
N ASP A 226 10.77 17.61 6.33
CA ASP A 226 9.44 18.24 6.49
C ASP A 226 8.43 17.81 5.45
N LYS A 227 8.69 16.70 4.75
CA LYS A 227 7.78 16.17 3.76
C LYS A 227 7.47 14.70 4.10
N PRO A 228 6.52 14.48 5.03
CA PRO A 228 6.15 13.09 5.39
C PRO A 228 5.50 12.30 4.25
N GLY A 229 5.49 10.98 4.41
CA GLY A 229 4.73 10.10 3.56
C GLY A 229 3.28 10.36 3.91
N VAL A 230 2.39 10.40 2.91
CA VAL A 230 0.96 10.61 3.16
C VAL A 230 0.25 9.32 2.76
N TYR A 231 -0.62 8.87 3.67
CA TYR A 231 -1.32 7.59 3.60
C TYR A 231 -2.83 7.80 3.66
N THR A 232 -3.57 6.99 2.91
CA THR A 232 -5.04 6.99 2.99
C THR A 232 -5.37 6.45 4.39
N ARG A 233 -6.19 7.18 5.17
CA ARG A 233 -6.55 6.73 6.52
C ARG A 233 -7.71 5.72 6.38
N VAL A 234 -7.34 4.45 6.46
CA VAL A 234 -8.26 3.30 6.31
C VAL A 234 -9.52 3.37 7.20
N SER A 235 -9.39 3.80 8.47
CA SER A 235 -10.54 3.90 9.39
C SER A 235 -11.69 4.74 8.83
N HIS A 236 -11.38 5.83 8.07
CA HIS A 236 -12.42 6.69 7.47
C HIS A 236 -13.24 5.94 6.44
N PHE A 237 -12.58 5.05 5.69
CA PHE A 237 -13.17 4.33 4.57
C PHE A 237 -13.88 3.01 4.90
N LEU A 238 -14.01 2.65 6.19
CA LEU A 238 -14.68 1.40 6.60
C LEU A 238 -16.09 1.23 6.00
N PRO A 239 -17.00 2.25 5.97
CA PRO A 239 -18.31 2.04 5.32
C PRO A 239 -18.16 1.70 3.83
N TRP A 240 -17.24 2.40 3.11
CA TRP A 240 -16.99 2.16 1.69
C TRP A 240 -16.39 0.73 1.47
N ILE A 241 -15.43 0.30 2.33
CA ILE A 241 -14.81 -1.04 2.20
C ILE A 241 -15.88 -2.12 2.39
N ARG A 242 -16.66 -2.03 3.49
CA ARG A 242 -17.74 -2.97 3.81
CA ARG A 242 -17.72 -3.00 3.78
C ARG A 242 -18.76 -3.03 2.66
N SER A 243 -19.18 -1.85 2.13
CA SER A 243 -20.17 -1.80 1.06
C SER A 243 -19.67 -2.39 -0.25
N HIS A 244 -18.40 -2.14 -0.58
CA HIS A 244 -17.83 -2.66 -1.82
C HIS A 244 -17.31 -4.08 -1.77
N THR A 245 -17.23 -4.71 -0.58
CA THR A 245 -16.76 -6.11 -0.46
C THR A 245 -17.97 -7.07 -0.26
N LYS A 246 -19.18 -6.50 -0.18
CA LYS A 246 -20.43 -7.26 -0.04
C LYS A 246 -21.03 -7.59 -1.41
CAA 9UP B . 10.93 11.59 -5.49
OAL 9UP B . 9.55 11.83 -5.21
CAN 9UP B . 8.71 10.74 -5.29
OAD 9UP B . 9.08 9.75 -5.94
N1 9UP B . 7.55 10.81 -4.62
CAP 9UP B . 6.58 9.86 -4.60
CAR 9UP B . 6.11 9.31 -3.39
CAJ 9UP B . 6.65 9.71 -2.16
CAF 9UP B . 5.98 9.48 -5.81
CAE 9UP B . 4.91 8.56 -5.82
CAH 9UP B . 4.40 8.06 -4.61
CAQ 9UP B . 5.01 8.41 -3.40
CAI 9UP B . 4.50 7.91 -2.19
CAG 9UP B . 5.09 8.28 -0.98
CAO 9UP B . 6.17 9.18 -0.95
CAM 9UP B . 6.80 9.49 0.28
N2 9UP B . 7.62 10.54 0.44
N3 9UP B . 6.62 8.71 1.33
S SO4 C . 3.81 5.31 -8.04
O1 SO4 C . 2.35 5.11 -8.05
O2 SO4 C . 4.09 6.72 -8.41
O3 SO4 C . 4.47 4.38 -9.04
O4 SO4 C . 4.34 4.96 -6.70
S SO4 D . -10.43 14.86 0.80
O1 SO4 D . -11.68 14.21 0.33
O2 SO4 D . -10.46 14.89 2.24
O3 SO4 D . -10.35 16.22 0.25
O4 SO4 D . -9.32 14.10 0.31
S SO4 E . -14.17 9.44 10.38
O1 SO4 E . -15.44 8.80 10.02
O2 SO4 E . -14.43 10.55 11.34
O3 SO4 E . -13.28 8.46 11.00
O4 SO4 E . -13.55 10.01 9.22
S SO4 F . -16.30 10.68 2.05
O1 SO4 F . -17.08 10.62 3.33
O2 SO4 F . -17.24 10.55 0.93
O3 SO4 F . -15.61 11.99 1.99
O4 SO4 F . -15.32 9.58 2.00
C1 GOL G . -13.99 -14.15 2.31
O1 GOL G . -14.12 -13.66 3.65
C2 GOL G . -14.06 -12.91 1.38
O2 GOL G . -12.76 -12.76 0.81
C3 GOL G . -15.14 -13.19 0.29
O3 GOL G . -15.37 -12.18 -0.70
C1 GOL H . 7.80 -10.60 -13.42
O1 GOL H . 9.09 -11.10 -13.79
C2 GOL H . 6.79 -11.72 -13.64
O2 GOL H . 7.22 -12.91 -12.91
C3 GOL H . 5.43 -11.26 -13.11
O3 GOL H . 4.39 -12.09 -13.65
C ACT I . 1.39 -0.01 -22.52
O ACT I . 1.57 1.05 -21.93
OXT ACT I . 2.32 -0.66 -22.93
CH3 ACT I . 0.03 -0.58 -22.81
C ACT J . 7.75 22.16 -2.55
O ACT J . 6.72 21.52 -2.80
OXT ACT J . 8.21 22.27 -1.43
CH3 ACT J . 8.56 22.85 -3.61
#